data_6QBR
#
_entry.id   6QBR
#
_cell.length_a   102.380
_cell.length_b   102.380
_cell.length_c   92.336
_cell.angle_alpha   90.00
_cell.angle_beta   90.00
_cell.angle_gamma   120.00
#
_symmetry.space_group_name_H-M   'P 62'
#
loop_
_entity.id
_entity.type
_entity.pdbx_description
1 polymer 'Cell wall assembly regulator SMI1'
2 water water
#
_entity_poly.entity_id   1
_entity_poly.type   'polypeptide(L)'
_entity_poly.pdbx_seq_one_letter_code
;GPLGSHMSTESNDGVSETLLAWRHIDFWTSEHNPDLNATLSDPCTQNDITHAEEDLEVSFPNPVKASFKIHDGQEDLESM
TGTSGLFYGFQLMTLDQVVAMTQAWRNVAKNLNKRSQQGLSHVTSTGDSSDMERLNGNKFKLPNIPDQKSIPPNAVQPVY
AHPAWIPLITDNAGNHIGVDLAPGPNGKYAQIITFGRDFDTKFVIAENWGEFLLSFANDLEAGNWYLVDDNDDYFSGDGE
LVFRDKKSNGPIQDYFEVLKRRTWIKYQLERPHRD
;
_entity_poly.pdbx_strand_id   A,B
#
# COMPACT_ATOMS: atom_id res chain seq x y z
N SER A 11 -10.09 -6.44 8.24
CA SER A 11 -11.53 -6.19 8.55
C SER A 11 -12.40 -7.14 7.72
N ASN A 12 -13.49 -7.64 8.33
CA ASN A 12 -14.61 -8.25 7.62
C ASN A 12 -15.56 -7.16 7.13
N ASP A 13 -15.07 -5.92 6.97
CA ASP A 13 -15.86 -4.79 6.53
C ASP A 13 -16.23 -5.03 5.06
N GLY A 14 -17.53 -4.99 4.79
CA GLY A 14 -18.03 -5.20 3.47
C GLY A 14 -18.37 -6.65 3.21
N VAL A 15 -17.93 -7.60 4.08
CA VAL A 15 -18.19 -9.01 3.88
C VAL A 15 -19.71 -9.24 3.91
N SER A 16 -20.39 -8.69 4.93
CA SER A 16 -21.86 -8.82 5.04
C SER A 16 -22.53 -8.22 3.81
N GLU A 17 -22.10 -7.03 3.42
CA GLU A 17 -22.62 -6.33 2.26
C GLU A 17 -22.44 -7.18 1.01
N THR A 18 -21.31 -7.88 0.92
CA THR A 18 -21.04 -8.77 -0.21
C THR A 18 -22.06 -9.91 -0.27
N LEU A 19 -22.28 -10.59 0.85
CA LEU A 19 -23.20 -11.72 0.94
C LEU A 19 -24.64 -11.27 0.58
N LEU A 20 -25.06 -10.14 1.15
CA LEU A 20 -26.37 -9.57 0.84
C LEU A 20 -26.49 -9.22 -0.64
N ALA A 21 -25.46 -8.54 -1.18
CA ALA A 21 -25.55 -8.09 -2.57
C ALA A 21 -25.71 -9.29 -3.49
N TRP A 22 -24.94 -10.35 -3.25
CA TRP A 22 -25.04 -11.56 -4.09
C TRP A 22 -26.41 -12.23 -3.97
N ARG A 23 -27.03 -12.14 -2.81
CA ARG A 23 -28.36 -12.71 -2.63
C ARG A 23 -29.29 -11.97 -3.58
N HIS A 24 -29.34 -10.64 -3.44
CA HIS A 24 -30.16 -9.81 -4.33
C HIS A 24 -29.84 -10.10 -5.81
N ILE A 25 -28.56 -10.15 -6.18
CA ILE A 25 -28.21 -10.23 -7.60
C ILE A 25 -28.58 -11.62 -8.13
N ASP A 26 -28.32 -12.67 -7.35
CA ASP A 26 -28.66 -14.05 -7.75
C ASP A 26 -30.16 -14.12 -8.00
N PHE A 27 -30.95 -13.54 -7.09
CA PHE A 27 -32.40 -13.62 -7.16
C PHE A 27 -32.93 -12.73 -8.27
N TRP A 28 -32.40 -11.51 -8.39
CA TRP A 28 -32.83 -10.58 -9.41
C TRP A 28 -32.60 -11.17 -10.81
N THR A 29 -31.43 -11.78 -11.04
CA THR A 29 -31.12 -12.34 -12.38
C THR A 29 -32.02 -13.55 -12.68
N SER A 30 -32.29 -14.39 -11.66
CA SER A 30 -33.16 -15.58 -11.86
C SER A 30 -34.59 -15.14 -12.25
N GLU A 31 -35.12 -14.07 -11.64
CA GLU A 31 -36.44 -13.50 -11.99
C GLU A 31 -36.39 -12.85 -13.39
N HIS A 32 -35.47 -11.91 -13.59
CA HIS A 32 -35.59 -10.93 -14.69
C HIS A 32 -34.69 -11.28 -15.87
N ASN A 33 -33.62 -12.08 -15.68
CA ASN A 33 -32.69 -12.37 -16.80
C ASN A 33 -31.98 -13.71 -16.60
N PRO A 34 -32.68 -14.84 -16.87
CA PRO A 34 -32.12 -16.16 -16.58
C PRO A 34 -30.88 -16.48 -17.41
N ASP A 35 -30.76 -15.87 -18.59
CA ASP A 35 -29.54 -16.03 -19.43
C ASP A 35 -28.34 -15.43 -18.69
N LEU A 36 -28.53 -14.27 -18.09
CA LEU A 36 -27.51 -13.61 -17.29
C LEU A 36 -27.20 -14.46 -16.05
N ASN A 37 -28.26 -14.93 -15.37
CA ASN A 37 -28.11 -15.77 -14.18
C ASN A 37 -27.19 -16.97 -14.47
N ALA A 38 -27.44 -17.67 -15.58
CA ALA A 38 -26.71 -18.88 -15.94
C ALA A 38 -25.21 -18.61 -16.23
N THR A 39 -24.81 -17.35 -16.49
CA THR A 39 -23.38 -17.00 -16.71
C THR A 39 -22.57 -16.90 -15.40
N LEU A 40 -23.25 -16.76 -14.25
CA LEU A 40 -22.60 -16.60 -12.93
C LEU A 40 -21.96 -17.93 -12.52
N SER A 41 -20.63 -17.95 -12.37
CA SER A 41 -19.89 -19.22 -12.27
C SER A 41 -20.04 -19.79 -10.87
N ASP A 42 -19.68 -21.06 -10.73
CA ASP A 42 -19.58 -21.71 -9.44
C ASP A 42 -18.52 -21.01 -8.59
N PRO A 43 -18.54 -21.18 -7.25
CA PRO A 43 -17.50 -20.62 -6.38
C PRO A 43 -16.06 -21.05 -6.75
N CYS A 44 -15.10 -20.14 -6.53
CA CYS A 44 -13.70 -20.55 -6.35
C CYS A 44 -13.61 -21.38 -5.07
N THR A 45 -12.64 -22.30 -5.04
CA THR A 45 -12.20 -22.95 -3.82
C THR A 45 -11.23 -22.04 -3.09
N GLN A 46 -11.03 -22.29 -1.79
CA GLN A 46 -10.01 -21.58 -1.04
C GLN A 46 -8.66 -21.83 -1.74
N ASN A 47 -8.50 -23.03 -2.30
CA ASN A 47 -7.27 -23.46 -2.96
C ASN A 47 -6.97 -22.53 -4.15
N ASP A 48 -7.97 -22.37 -5.03
CA ASP A 48 -7.94 -21.44 -6.18
C ASP A 48 -7.43 -20.07 -5.74
N ILE A 49 -8.00 -19.55 -4.65
CA ILE A 49 -7.69 -18.21 -4.16
C ILE A 49 -6.23 -18.13 -3.71
N THR A 50 -5.78 -19.17 -2.98
CA THR A 50 -4.43 -19.23 -2.45
C THR A 50 -3.43 -19.24 -3.61
N HIS A 51 -3.69 -20.08 -4.62
CA HIS A 51 -2.89 -20.13 -5.86
C HIS A 51 -2.75 -18.71 -6.47
N ALA A 52 -3.87 -18.00 -6.62
CA ALA A 52 -3.87 -16.68 -7.27
C ALA A 52 -3.08 -15.68 -6.41
N GLU A 53 -3.32 -15.71 -5.10
CA GLU A 53 -2.64 -14.83 -4.14
C GLU A 53 -1.11 -15.09 -4.20
N GLU A 54 -0.72 -16.35 -4.34
CA GLU A 54 0.68 -16.69 -4.42
C GLU A 54 1.26 -16.21 -5.77
N ASP A 55 0.54 -16.44 -6.87
CA ASP A 55 0.94 -15.96 -8.21
C ASP A 55 1.17 -14.45 -8.20
N LEU A 56 0.24 -13.71 -7.59
CA LEU A 56 0.25 -12.26 -7.66
C LEU A 56 1.03 -11.64 -6.51
N GLU A 57 1.36 -12.45 -5.49
CA GLU A 57 2.00 -11.97 -4.25
C GLU A 57 1.16 -10.83 -3.65
N VAL A 58 -0.11 -11.14 -3.39
CA VAL A 58 -1.06 -10.20 -2.86
C VAL A 58 -2.02 -10.96 -1.92
N SER A 59 -2.58 -10.28 -0.90
CA SER A 59 -3.75 -10.77 -0.16
C SER A 59 -5.01 -10.08 -0.65
N PHE A 60 -5.98 -10.86 -1.11
CA PHE A 60 -7.25 -10.30 -1.52
C PHE A 60 -7.98 -9.84 -0.25
N PRO A 61 -8.55 -8.63 -0.22
CA PRO A 61 -9.39 -8.22 0.89
C PRO A 61 -10.51 -9.23 1.16
N ASN A 62 -10.98 -9.25 2.42
CA ASN A 62 -11.98 -10.21 2.85
C ASN A 62 -13.24 -10.18 1.98
N PRO A 63 -13.84 -9.00 1.68
CA PRO A 63 -15.06 -8.99 0.85
C PRO A 63 -14.84 -9.50 -0.58
N VAL A 64 -13.61 -9.36 -1.11
CA VAL A 64 -13.30 -9.83 -2.46
C VAL A 64 -13.23 -11.36 -2.49
N LYS A 65 -12.56 -11.94 -1.49
CA LYS A 65 -12.48 -13.38 -1.33
C LYS A 65 -13.88 -13.97 -1.12
N ALA A 66 -14.70 -13.31 -0.29
CA ALA A 66 -16.09 -13.78 -0.09
C ALA A 66 -16.82 -13.81 -1.45
N SER A 67 -16.62 -12.75 -2.27
CA SER A 67 -17.28 -12.64 -3.57
C SER A 67 -16.87 -13.81 -4.46
N PHE A 68 -15.55 -14.10 -4.50
CA PHE A 68 -14.99 -15.22 -5.31
C PHE A 68 -15.52 -16.58 -4.86
N LYS A 69 -15.79 -16.72 -3.56
CA LYS A 69 -16.33 -17.99 -3.01
C LYS A 69 -17.86 -18.06 -3.19
N ILE A 70 -18.46 -17.06 -3.86
CA ILE A 70 -19.87 -17.14 -4.27
C ILE A 70 -19.94 -17.36 -5.79
N HIS A 71 -19.25 -16.52 -6.58
CA HIS A 71 -19.13 -16.73 -8.02
C HIS A 71 -17.70 -16.41 -8.49
N ASP A 72 -17.11 -17.35 -9.24
CA ASP A 72 -15.83 -17.16 -9.88
C ASP A 72 -16.03 -16.38 -11.20
N GLY A 73 -16.52 -15.16 -11.09
CA GLY A 73 -16.78 -14.35 -12.29
C GLY A 73 -17.95 -14.88 -13.08
N GLN A 74 -17.93 -14.54 -14.36
CA GLN A 74 -18.94 -14.93 -15.37
C GLN A 74 -18.28 -15.74 -16.48
N GLU A 75 -18.94 -16.80 -16.94
CA GLU A 75 -18.49 -17.57 -18.10
C GLU A 75 -19.63 -17.62 -19.12
N ASP A 76 -19.45 -17.02 -20.32
CA ASP A 76 -20.30 -17.28 -21.53
C ASP A 76 -20.15 -18.74 -21.94
N THR A 83 -20.05 -13.95 -22.87
CA THR A 83 -20.76 -13.60 -21.66
C THR A 83 -21.03 -12.10 -21.60
N SER A 84 -22.31 -11.73 -21.64
CA SER A 84 -22.69 -10.32 -21.59
C SER A 84 -22.61 -9.82 -20.15
N GLY A 85 -21.87 -8.74 -19.96
CA GLY A 85 -21.66 -8.14 -18.66
C GLY A 85 -22.84 -8.03 -17.72
N LEU A 86 -22.65 -8.49 -16.50
CA LEU A 86 -23.68 -8.43 -15.47
C LEU A 86 -23.87 -7.01 -14.98
N PHE A 87 -22.78 -6.27 -14.85
CA PHE A 87 -22.84 -4.90 -14.37
C PHE A 87 -23.15 -3.94 -15.51
N TYR A 88 -24.40 -4.00 -15.97
CA TYR A 88 -24.89 -3.17 -17.07
C TYR A 88 -23.96 -3.30 -18.29
N GLY A 89 -23.62 -4.55 -18.66
CA GLY A 89 -22.74 -4.85 -19.78
C GLY A 89 -21.27 -5.09 -19.39
N PHE A 90 -20.79 -4.60 -18.24
CA PHE A 90 -19.41 -4.84 -17.81
C PHE A 90 -19.34 -6.22 -17.15
N GLN A 91 -18.31 -7.00 -17.51
CA GLN A 91 -18.21 -8.38 -17.15
C GLN A 91 -17.50 -8.49 -15.78
N LEU A 92 -18.04 -9.33 -14.91
CA LEU A 92 -17.36 -9.80 -13.72
C LEU A 92 -16.32 -10.83 -14.15
N MET A 93 -15.06 -10.57 -13.80
N MET A 93 -15.05 -10.57 -13.81
CA MET A 93 -13.92 -11.34 -14.29
CA MET A 93 -13.90 -11.33 -14.29
C MET A 93 -13.74 -12.61 -13.43
C MET A 93 -13.73 -12.60 -13.43
N THR A 94 -13.33 -13.70 -14.07
CA THR A 94 -12.99 -14.93 -13.36
C THR A 94 -11.62 -14.72 -12.70
N LEU A 95 -11.28 -15.56 -11.72
CA LEU A 95 -10.04 -15.43 -11.01
C LEU A 95 -8.85 -15.54 -11.97
N ASP A 96 -8.91 -16.48 -12.93
CA ASP A 96 -7.86 -16.60 -13.97
C ASP A 96 -7.75 -15.29 -14.77
N GLN A 97 -8.89 -14.65 -15.09
CA GLN A 97 -8.86 -13.37 -15.81
C GLN A 97 -8.21 -12.29 -14.95
N VAL A 98 -8.52 -12.31 -13.65
CA VAL A 98 -7.93 -11.33 -12.72
C VAL A 98 -6.39 -11.49 -12.72
N VAL A 99 -5.90 -12.73 -12.63
CA VAL A 99 -4.49 -12.99 -12.57
C VAL A 99 -3.83 -12.51 -13.86
N ALA A 100 -4.35 -12.96 -15.00
CA ALA A 100 -3.80 -12.63 -16.30
C ALA A 100 -3.77 -11.11 -16.49
N MET A 101 -4.90 -10.45 -16.19
CA MET A 101 -5.00 -9.00 -16.45
C MET A 101 -4.11 -8.20 -15.49
N THR A 102 -4.01 -8.64 -14.24
CA THR A 102 -3.07 -7.98 -13.27
C THR A 102 -1.63 -8.07 -13.81
N GLN A 103 -1.28 -9.24 -14.31
CA GLN A 103 0.04 -9.48 -14.93
C GLN A 103 0.24 -8.56 -16.15
N ALA A 104 -0.79 -8.44 -17.00
CA ALA A 104 -0.71 -7.57 -18.15
C ALA A 104 -0.48 -6.13 -17.69
N TRP A 105 -1.27 -5.67 -16.71
CA TRP A 105 -1.10 -4.32 -16.21
C TRP A 105 0.30 -4.15 -15.58
N ARG A 106 0.81 -5.20 -14.93
CA ARG A 106 2.16 -5.13 -14.31
C ARG A 106 3.26 -4.95 -15.39
N ASN A 107 3.05 -5.58 -16.55
CA ASN A 107 3.94 -5.42 -17.69
C ASN A 107 3.90 -3.97 -18.18
N VAL A 108 2.69 -3.41 -18.33
CA VAL A 108 2.53 -2.00 -18.69
C VAL A 108 3.37 -1.13 -17.74
N ALA A 109 3.18 -1.31 -16.43
CA ALA A 109 3.80 -0.44 -15.46
C ALA A 109 5.33 -0.58 -15.55
N LYS A 110 5.81 -1.77 -15.88
CA LYS A 110 7.27 -1.97 -16.01
C LYS A 110 7.81 -1.23 -17.26
N ASN A 111 7.07 -1.32 -18.37
CA ASN A 111 7.42 -0.63 -19.61
C ASN A 111 7.41 0.89 -19.45
N LEU A 112 6.52 1.44 -18.63
CA LEU A 112 6.48 2.89 -18.35
C LEU A 112 7.66 3.34 -17.48
N ASN A 113 8.20 2.42 -16.69
CA ASN A 113 9.39 2.65 -15.87
C ASN A 113 10.67 2.62 -16.73
N LYS A 114 10.75 1.64 -17.64
CA LYS A 114 11.87 1.45 -18.60
C LYS A 114 12.04 2.69 -19.49
N ARG A 115 10.98 3.46 -19.71
CA ARG A 115 11.00 4.71 -20.50
C ARG A 115 10.52 5.90 -19.66
N SER A 116 11.39 6.44 -18.79
CA SER A 116 11.07 7.61 -17.96
C SER A 116 12.35 8.19 -17.36
N PRO A 146 -0.28 12.26 -20.88
CA PRO A 146 -1.65 12.59 -20.45
C PRO A 146 -1.74 12.59 -18.92
N ASP A 147 -2.23 13.68 -18.32
CA ASP A 147 -2.13 13.92 -16.88
C ASP A 147 -3.05 12.94 -16.13
N GLN A 148 -2.42 12.15 -15.25
CA GLN A 148 -3.11 11.18 -14.44
C GLN A 148 -3.55 11.87 -13.15
N LYS A 149 -4.81 11.66 -12.76
CA LYS A 149 -5.43 12.38 -11.68
C LYS A 149 -6.36 11.45 -10.91
N SER A 150 -6.91 11.96 -9.80
CA SER A 150 -7.69 11.19 -8.87
C SER A 150 -8.89 12.04 -8.39
N ILE A 151 -10.06 11.40 -8.23
CA ILE A 151 -11.23 12.00 -7.53
C ILE A 151 -11.72 11.02 -6.46
N PRO A 152 -11.76 11.43 -5.19
CA PRO A 152 -11.21 12.65 -4.64
C PRO A 152 -9.71 12.86 -4.91
N PRO A 153 -9.22 14.11 -4.93
CA PRO A 153 -7.80 14.36 -5.09
C PRO A 153 -6.98 13.56 -4.06
N ASN A 154 -5.85 13.01 -4.51
CA ASN A 154 -4.88 12.31 -3.65
C ASN A 154 -5.46 11.01 -3.05
N ALA A 155 -6.61 10.52 -3.50
CA ALA A 155 -7.14 9.25 -2.93
C ALA A 155 -6.50 8.09 -3.67
N VAL A 156 -6.14 8.30 -4.93
CA VAL A 156 -5.65 7.25 -5.79
C VAL A 156 -4.33 7.73 -6.38
N GLN A 157 -3.33 6.85 -6.54
CA GLN A 157 -2.05 7.33 -7.07
C GLN A 157 -2.27 7.87 -8.47
N PRO A 158 -1.67 9.03 -8.83
CA PRO A 158 -1.88 9.64 -10.14
C PRO A 158 -0.95 9.01 -11.20
N VAL A 159 -1.26 7.75 -11.56
CA VAL A 159 -0.43 6.95 -12.44
C VAL A 159 -1.35 6.18 -13.37
N TYR A 160 -0.81 5.70 -14.49
CA TYR A 160 -1.57 5.01 -15.53
C TYR A 160 -1.81 3.57 -15.09
N ALA A 161 -0.82 2.96 -14.42
CA ALA A 161 -0.88 1.59 -14.00
C ALA A 161 -0.14 1.41 -12.68
N HIS A 162 -0.60 0.45 -11.88
CA HIS A 162 0.00 0.17 -10.58
C HIS A 162 -0.09 -1.32 -10.31
N PRO A 163 1.00 -2.03 -9.90
CA PRO A 163 0.93 -3.46 -9.66
C PRO A 163 -0.13 -3.93 -8.65
N ALA A 164 -0.59 -3.03 -7.76
CA ALA A 164 -1.47 -3.34 -6.64
C ALA A 164 -2.93 -2.89 -6.89
N TRP A 165 -3.25 -2.48 -8.13
CA TRP A 165 -4.64 -2.29 -8.61
C TRP A 165 -5.13 -3.61 -9.20
N ILE A 166 -5.99 -4.32 -8.46
CA ILE A 166 -6.47 -5.60 -8.90
C ILE A 166 -7.80 -5.40 -9.64
N PRO A 167 -7.85 -5.68 -10.96
CA PRO A 167 -9.09 -5.56 -11.72
C PRO A 167 -10.07 -6.70 -11.38
N LEU A 168 -11.35 -6.36 -11.16
CA LEU A 168 -12.39 -7.37 -10.86
C LEU A 168 -13.51 -7.33 -11.91
N ILE A 169 -13.67 -6.19 -12.59
CA ILE A 169 -14.68 -5.99 -13.61
C ILE A 169 -13.99 -5.38 -14.83
N THR A 170 -14.42 -5.81 -16.01
CA THR A 170 -13.86 -5.28 -17.24
C THR A 170 -14.99 -4.83 -18.16
N ASP A 171 -14.78 -3.74 -18.90
CA ASP A 171 -15.62 -3.40 -20.08
C ASP A 171 -15.12 -4.12 -21.34
N ASN A 172 -14.09 -4.98 -21.23
CA ASN A 172 -13.56 -5.68 -22.39
C ASN A 172 -13.08 -4.67 -23.44
N ALA A 173 -12.73 -3.46 -23.01
CA ALA A 173 -12.15 -2.45 -23.88
C ALA A 173 -10.98 -1.73 -23.19
N GLY A 174 -10.43 -2.32 -22.12
CA GLY A 174 -9.26 -1.84 -21.43
C GLY A 174 -9.56 -1.11 -20.13
N ASN A 175 -10.85 -1.05 -19.73
CA ASN A 175 -11.22 -0.32 -18.50
C ASN A 175 -11.75 -1.31 -17.45
N HIS A 176 -11.56 -0.93 -16.18
CA HIS A 176 -11.80 -1.80 -15.09
C HIS A 176 -12.46 -1.05 -13.93
N ILE A 177 -13.22 -1.81 -13.16
CA ILE A 177 -13.42 -1.48 -11.75
C ILE A 177 -12.62 -2.51 -10.95
N GLY A 178 -11.95 -2.04 -9.89
CA GLY A 178 -11.10 -2.93 -9.13
C GLY A 178 -10.77 -2.41 -7.75
N VAL A 179 -9.88 -3.14 -7.10
CA VAL A 179 -9.59 -2.89 -5.71
C VAL A 179 -8.16 -2.33 -5.62
N ASP A 180 -8.01 -1.23 -4.90
CA ASP A 180 -6.79 -0.46 -4.83
C ASP A 180 -6.06 -0.84 -3.53
N LEU A 181 -4.97 -1.62 -3.65
CA LEU A 181 -4.23 -2.06 -2.50
C LEU A 181 -3.03 -1.13 -2.23
N ALA A 182 -2.96 0.05 -2.84
CA ALA A 182 -1.86 0.98 -2.61
C ALA A 182 -2.39 2.40 -2.72
N PRO A 183 -3.36 2.75 -1.86
CA PRO A 183 -4.04 4.04 -1.96
C PRO A 183 -3.09 5.22 -1.85
N GLY A 184 -3.55 6.35 -2.40
CA GLY A 184 -2.95 7.63 -2.18
C GLY A 184 -3.13 8.07 -0.74
N PRO A 185 -2.47 9.19 -0.36
CA PRO A 185 -2.46 9.66 1.02
C PRO A 185 -3.84 9.99 1.62
N ASN A 186 -4.85 10.34 0.82
CA ASN A 186 -6.20 10.58 1.33
C ASN A 186 -7.18 9.46 0.89
N GLY A 187 -6.66 8.30 0.47
CA GLY A 187 -7.50 7.16 0.10
C GLY A 187 -7.58 6.15 1.22
N LYS A 188 -8.30 5.05 0.98
CA LYS A 188 -8.41 3.95 1.93
C LYS A 188 -7.91 2.66 1.27
N TYR A 189 -7.18 1.86 2.04
CA TYR A 189 -6.77 0.54 1.62
C TYR A 189 -8.00 -0.27 1.18
N ALA A 190 -7.93 -0.84 -0.04
CA ALA A 190 -8.96 -1.74 -0.65
C ALA A 190 -10.27 -1.01 -0.98
N GLN A 191 -10.20 0.34 -1.04
CA GLN A 191 -11.15 1.16 -1.77
C GLN A 191 -11.28 0.62 -3.20
N ILE A 192 -12.43 0.87 -3.81
CA ILE A 192 -12.78 0.38 -5.12
C ILE A 192 -12.62 1.57 -6.06
N ILE A 193 -11.85 1.36 -7.14
CA ILE A 193 -11.57 2.43 -8.07
C ILE A 193 -11.90 1.99 -9.50
N THR A 194 -11.99 2.98 -10.39
CA THR A 194 -11.95 2.81 -11.83
C THR A 194 -10.52 3.10 -12.31
N PHE A 195 -10.04 2.29 -13.25
CA PHE A 195 -8.80 2.57 -13.92
C PHE A 195 -8.80 1.90 -15.29
N GLY A 196 -7.76 2.17 -16.07
CA GLY A 196 -7.53 1.53 -17.33
C GLY A 196 -7.35 2.53 -18.47
N ARG A 197 -7.34 1.99 -19.68
CA ARG A 197 -7.13 2.72 -20.92
C ARG A 197 -7.68 4.14 -21.04
N ASP A 198 -8.92 4.33 -20.61
CA ASP A 198 -9.59 5.63 -20.79
C ASP A 198 -9.77 6.35 -19.44
N PHE A 199 -9.09 5.90 -18.37
CA PHE A 199 -9.28 6.49 -17.04
C PHE A 199 -8.02 7.26 -16.64
N ASP A 200 -7.78 8.35 -17.35
CA ASP A 200 -6.72 9.28 -17.01
C ASP A 200 -6.99 9.86 -15.63
N THR A 201 -8.26 10.12 -15.34
CA THR A 201 -8.72 10.40 -13.99
C THR A 201 -9.32 9.12 -13.39
N LYS A 202 -8.74 8.64 -12.30
CA LYS A 202 -9.27 7.49 -11.55
C LYS A 202 -10.29 8.03 -10.52
N PHE A 203 -11.35 7.26 -10.29
CA PHE A 203 -12.44 7.63 -9.33
C PHE A 203 -12.55 6.55 -8.23
N VAL A 204 -12.67 6.99 -6.98
CA VAL A 204 -13.05 6.11 -5.88
C VAL A 204 -14.57 6.00 -5.92
N ILE A 205 -15.07 4.79 -6.17
CA ILE A 205 -16.48 4.64 -6.35
C ILE A 205 -17.11 3.93 -5.14
N ALA A 206 -16.31 3.28 -4.27
CA ALA A 206 -16.83 2.69 -3.02
C ALA A 206 -15.66 2.46 -2.03
N GLU A 207 -16.02 2.28 -0.75
CA GLU A 207 -15.02 2.13 0.32
C GLU A 207 -14.50 0.69 0.36
N ASN A 208 -15.29 -0.27 -0.11
CA ASN A 208 -14.87 -1.66 -0.16
C ASN A 208 -15.76 -2.39 -1.17
N TRP A 209 -15.37 -3.60 -1.50
CA TRP A 209 -16.00 -4.37 -2.56
C TRP A 209 -17.47 -4.66 -2.23
N GLY A 210 -17.72 -4.98 -0.95
CA GLY A 210 -19.04 -5.14 -0.39
C GLY A 210 -19.94 -3.98 -0.70
N GLU A 211 -19.51 -2.76 -0.35
CA GLU A 211 -20.34 -1.57 -0.56
C GLU A 211 -20.58 -1.37 -2.05
N PHE A 212 -19.58 -1.68 -2.88
CA PHE A 212 -19.76 -1.51 -4.33
C PHE A 212 -20.85 -2.48 -4.85
N LEU A 213 -20.76 -3.77 -4.48
CA LEU A 213 -21.72 -4.78 -4.95
C LEU A 213 -23.12 -4.42 -4.49
N LEU A 214 -23.24 -3.96 -3.23
CA LEU A 214 -24.52 -3.62 -2.68
C LEU A 214 -25.14 -2.41 -3.42
N SER A 215 -24.33 -1.40 -3.78
CA SER A 215 -24.84 -0.22 -4.50
C SER A 215 -25.40 -0.66 -5.86
N PHE A 216 -24.70 -1.59 -6.52
CA PHE A 216 -25.22 -2.19 -7.78
C PHE A 216 -26.52 -2.98 -7.51
N ALA A 217 -26.50 -3.84 -6.48
CA ALA A 217 -27.73 -4.60 -6.17
C ALA A 217 -28.91 -3.64 -5.92
N ASN A 218 -28.64 -2.50 -5.26
CA ASN A 218 -29.70 -1.53 -4.92
C ASN A 218 -30.21 -0.87 -6.20
N ASP A 219 -29.35 -0.62 -7.20
CA ASP A 219 -29.77 -0.08 -8.49
C ASP A 219 -30.77 -1.04 -9.15
N LEU A 220 -30.48 -2.34 -9.14
CA LEU A 220 -31.37 -3.32 -9.72
C LEU A 220 -32.73 -3.25 -8.99
N GLU A 221 -32.68 -3.26 -7.67
CA GLU A 221 -33.84 -3.27 -6.80
C GLU A 221 -34.64 -1.96 -6.93
N ALA A 222 -33.98 -0.83 -7.19
CA ALA A 222 -34.72 0.44 -7.34
C ALA A 222 -35.36 0.54 -8.75
N GLY A 223 -35.15 -0.46 -9.61
CA GLY A 223 -35.67 -0.49 -10.99
C GLY A 223 -34.85 0.36 -11.98
N ASN A 224 -33.58 0.64 -11.64
CA ASN A 224 -32.70 1.47 -12.49
C ASN A 224 -32.11 0.63 -13.61
N TRP A 225 -32.98 0.09 -14.45
CA TRP A 225 -32.55 -0.79 -15.49
C TRP A 225 -33.58 -0.84 -16.62
N TYR A 226 -33.12 -1.45 -17.71
CA TYR A 226 -33.86 -1.64 -18.91
C TYR A 226 -33.26 -2.85 -19.62
N LEU A 227 -34.10 -3.72 -20.20
CA LEU A 227 -33.59 -4.83 -20.99
C LEU A 227 -33.80 -4.53 -22.47
N VAL A 228 -32.73 -4.47 -23.28
CA VAL A 228 -32.83 -4.01 -24.69
C VAL A 228 -33.21 -5.18 -25.60
N GLY A 237 -33.22 -14.36 -26.75
CA GLY A 237 -32.51 -13.76 -25.61
C GLY A 237 -33.53 -13.10 -24.66
N ASP A 238 -33.14 -12.95 -23.39
CA ASP A 238 -33.82 -12.02 -22.45
C ASP A 238 -33.34 -10.58 -22.71
N GLY A 239 -32.17 -10.43 -23.35
CA GLY A 239 -31.67 -9.12 -23.82
C GLY A 239 -30.63 -8.52 -22.89
N GLU A 240 -30.06 -7.39 -23.31
CA GLU A 240 -28.87 -6.77 -22.67
C GLU A 240 -29.33 -5.79 -21.58
N LEU A 241 -28.61 -5.84 -20.45
CA LEU A 241 -28.95 -5.07 -19.27
C LEU A 241 -28.24 -3.73 -19.34
N VAL A 242 -29.04 -2.66 -19.28
CA VAL A 242 -28.53 -1.30 -19.34
C VAL A 242 -29.16 -0.50 -18.20
N PHE A 243 -28.48 0.61 -17.84
CA PHE A 243 -28.87 1.47 -16.76
C PHE A 243 -29.78 2.60 -17.26
N ARG A 244 -30.78 2.89 -16.43
CA ARG A 244 -31.53 4.14 -16.53
C ARG A 244 -31.91 4.51 -15.10
N ASP A 245 -32.01 5.82 -14.84
CA ASP A 245 -32.50 6.33 -13.59
C ASP A 245 -34.04 6.37 -13.63
N LYS A 246 -34.66 5.44 -12.89
CA LYS A 246 -36.11 5.23 -12.99
C LYS A 246 -36.90 6.44 -12.50
N LYS A 247 -36.53 6.94 -11.33
CA LYS A 247 -37.25 8.01 -10.64
C LYS A 247 -37.32 9.26 -11.55
N SER A 248 -36.26 9.54 -12.33
CA SER A 248 -36.19 10.71 -13.18
C SER A 248 -36.77 10.42 -14.56
N ASN A 249 -37.15 9.16 -14.83
CA ASN A 249 -37.61 8.69 -16.14
C ASN A 249 -36.59 9.04 -17.22
N GLY A 250 -35.29 8.96 -16.87
CA GLY A 250 -34.24 9.50 -17.70
C GLY A 250 -33.81 8.52 -18.79
N PRO A 251 -32.84 8.92 -19.63
CA PRO A 251 -32.37 8.08 -20.72
C PRO A 251 -31.45 6.96 -20.20
N ILE A 252 -31.15 6.01 -21.08
CA ILE A 252 -30.14 5.03 -20.85
C ILE A 252 -28.81 5.76 -20.66
N GLN A 253 -28.05 5.38 -19.62
CA GLN A 253 -26.70 5.89 -19.38
C GLN A 253 -25.68 4.76 -19.30
N ASP A 254 -24.48 5.06 -19.76
CA ASP A 254 -23.31 4.25 -19.54
C ASP A 254 -23.06 4.19 -18.02
N TYR A 255 -22.91 2.98 -17.48
CA TYR A 255 -22.72 2.76 -16.03
C TYR A 255 -21.45 3.43 -15.51
N PHE A 256 -20.36 3.48 -16.28
CA PHE A 256 -19.17 4.22 -15.85
C PHE A 256 -19.50 5.68 -15.59
N GLU A 257 -20.28 6.30 -16.49
CA GLU A 257 -20.60 7.71 -16.35
C GLU A 257 -21.44 7.91 -15.09
N VAL A 258 -22.37 6.98 -14.83
CA VAL A 258 -23.17 7.04 -13.61
C VAL A 258 -22.24 6.98 -12.40
N LEU A 259 -21.31 6.02 -12.40
CA LEU A 259 -20.38 5.86 -11.26
C LEU A 259 -19.58 7.15 -11.03
N LYS A 260 -19.04 7.71 -12.09
CA LYS A 260 -18.22 8.92 -12.00
C LYS A 260 -19.05 10.10 -11.47
N ARG A 261 -20.28 10.21 -11.92
CA ARG A 261 -21.17 11.27 -11.49
C ARG A 261 -21.46 11.13 -10.00
N ARG A 262 -21.78 9.92 -9.56
CA ARG A 262 -22.09 9.68 -8.12
C ARG A 262 -20.86 9.98 -7.25
N THR A 263 -19.66 9.64 -7.72
CA THR A 263 -18.43 9.96 -6.98
C THR A 263 -18.26 11.48 -6.84
N TRP A 264 -18.45 12.21 -7.95
CA TRP A 264 -18.38 13.68 -7.94
C TRP A 264 -19.35 14.26 -6.92
N ILE A 265 -20.61 13.84 -7.03
CA ILE A 265 -21.68 14.36 -6.16
C ILE A 265 -21.28 14.11 -4.70
N LYS A 266 -20.93 12.87 -4.39
CA LYS A 266 -20.55 12.53 -3.03
C LYS A 266 -19.39 13.40 -2.54
N TYR A 267 -18.31 13.48 -3.32
CA TYR A 267 -17.19 14.34 -2.95
C TYR A 267 -17.64 15.80 -2.70
N GLN A 268 -18.45 16.36 -3.59
CA GLN A 268 -18.85 17.79 -3.50
C GLN A 268 -19.69 18.02 -2.25
N LEU A 269 -20.60 17.06 -1.96
CA LEU A 269 -21.52 17.18 -0.82
C LEU A 269 -20.78 17.07 0.51
N GLU A 270 -19.62 16.42 0.52
CA GLU A 270 -18.87 16.22 1.74
C GLU A 270 -17.82 17.30 1.96
N ARG A 271 -17.44 18.03 0.92
CA ARG A 271 -16.40 19.04 1.05
C ARG A 271 -16.63 20.10 2.13
N PRO A 272 -17.86 20.57 2.28
CA PRO A 272 -18.16 21.57 3.30
C PRO A 272 -17.69 21.16 4.70
N HIS A 273 -17.63 19.84 4.97
CA HIS A 273 -17.33 19.27 6.29
C HIS A 273 -15.82 19.24 6.47
N ARG A 274 -15.35 19.83 7.57
CA ARG A 274 -13.95 19.83 7.93
C ARG A 274 -13.87 19.99 9.45
N SER B 11 6.53 -12.26 4.36
CA SER B 11 6.71 -13.73 4.22
C SER B 11 8.03 -14.15 4.90
N ASN B 12 8.67 -15.20 4.37
CA ASN B 12 10.06 -15.53 4.66
C ASN B 12 10.93 -14.69 3.73
N ASP B 13 10.73 -13.37 3.79
CA ASP B 13 11.52 -12.39 3.01
C ASP B 13 12.02 -11.24 3.91
N GLY B 14 13.31 -11.38 4.26
CA GLY B 14 13.98 -10.45 5.11
C GLY B 14 14.07 -10.93 6.53
N VAL B 15 13.21 -11.91 6.91
CA VAL B 15 13.12 -12.35 8.30
C VAL B 15 14.48 -12.95 8.72
N SER B 16 15.00 -13.87 7.91
CA SER B 16 16.30 -14.50 8.18
C SER B 16 17.39 -13.43 8.25
N GLU B 17 17.38 -12.50 7.28
CA GLU B 17 18.35 -11.43 7.22
C GLU B 17 18.27 -10.57 8.50
N THR B 18 17.06 -10.35 8.99
CA THR B 18 16.85 -9.59 10.24
C THR B 18 17.51 -10.29 11.43
N LEU B 19 17.26 -11.60 11.60
CA LEU B 19 17.86 -12.38 12.72
C LEU B 19 19.39 -12.33 12.64
N LEU B 20 19.94 -12.53 11.44
CA LEU B 20 21.37 -12.53 11.23
C LEU B 20 21.96 -11.14 11.56
N ALA B 21 21.29 -10.09 11.06
CA ALA B 21 21.78 -8.77 11.25
C ALA B 21 21.88 -8.43 12.75
N TRP B 22 20.82 -8.76 13.49
CA TRP B 22 20.79 -8.47 14.93
C TRP B 22 21.85 -9.25 15.70
N ARG B 23 22.19 -10.46 15.24
CA ARG B 23 23.27 -11.22 15.89
C ARG B 23 24.58 -10.44 15.73
N HIS B 24 24.90 -10.04 14.51
CA HIS B 24 26.12 -9.24 14.27
C HIS B 24 26.08 -7.90 15.02
N ILE B 25 24.93 -7.22 15.03
CA ILE B 25 24.86 -5.89 15.64
C ILE B 25 24.97 -6.02 17.17
N ASP B 26 24.30 -7.03 17.74
CA ASP B 26 24.36 -7.30 19.20
C ASP B 26 25.83 -7.54 19.58
N PHE B 27 26.53 -8.35 18.79
CA PHE B 27 27.92 -8.74 19.06
C PHE B 27 28.86 -7.55 18.83
N TRP B 28 28.67 -6.81 17.73
CA TRP B 28 29.52 -5.70 17.44
C TRP B 28 29.44 -4.66 18.57
N THR B 29 28.23 -4.35 19.04
CA THR B 29 28.06 -3.28 20.06
C THR B 29 28.70 -3.74 21.39
N SER B 30 28.54 -5.03 21.74
CA SER B 30 29.08 -5.59 22.99
C SER B 30 30.61 -5.49 22.99
N GLU B 31 31.27 -5.79 21.86
CA GLU B 31 32.73 -5.66 21.69
C GLU B 31 33.16 -4.20 21.76
N HIS B 32 32.57 -3.33 20.91
CA HIS B 32 33.16 -2.03 20.62
C HIS B 32 32.52 -0.88 21.42
N ASN B 33 31.28 -1.04 21.91
CA ASN B 33 30.56 0.08 22.55
C ASN B 33 29.48 -0.45 23.49
N PRO B 34 29.87 -0.95 24.70
CA PRO B 34 28.92 -1.53 25.64
C PRO B 34 27.84 -0.55 26.12
N ASP B 35 28.15 0.75 26.14
CA ASP B 35 27.20 1.81 26.47
C ASP B 35 26.05 1.79 25.46
N LEU B 36 26.41 1.72 24.17
CA LEU B 36 25.44 1.67 23.09
C LEU B 36 24.66 0.35 23.18
N ASN B 37 25.38 -0.77 23.37
CA ASN B 37 24.77 -2.10 23.51
C ASN B 37 23.65 -2.07 24.56
N ALA B 38 23.91 -1.48 25.73
CA ALA B 38 22.98 -1.49 26.87
C ALA B 38 21.70 -0.68 26.58
N THR B 39 21.69 0.19 25.58
CA THR B 39 20.48 0.97 25.20
C THR B 39 19.46 0.13 24.41
N LEU B 40 19.89 -1.02 23.86
CA LEU B 40 19.04 -1.92 23.04
C LEU B 40 18.02 -2.62 23.96
N SER B 41 16.74 -2.34 23.75
CA SER B 41 15.69 -2.74 24.69
C SER B 41 15.42 -4.23 24.56
N ASP B 42 14.69 -4.75 25.55
CA ASP B 42 14.23 -6.11 25.55
C ASP B 42 13.23 -6.29 24.42
N PRO B 43 12.93 -7.54 23.99
CA PRO B 43 11.89 -7.81 23.00
C PRO B 43 10.50 -7.24 23.35
N CYS B 44 9.77 -6.81 22.32
CA CYS B 44 8.32 -6.75 22.38
C CYS B 44 7.76 -8.16 22.53
N THR B 45 6.62 -8.26 23.19
CA THR B 45 5.79 -9.44 23.20
C THR B 45 4.94 -9.44 21.92
N GLN B 46 4.42 -10.62 21.55
CA GLN B 46 3.49 -10.68 20.44
C GLN B 46 2.30 -9.78 20.78
N ASN B 47 1.97 -9.70 22.08
CA ASN B 47 0.83 -8.96 22.55
C ASN B 47 1.02 -7.46 22.25
N ASP B 48 2.18 -6.93 22.64
CA ASP B 48 2.62 -5.56 22.31
C ASP B 48 2.38 -5.24 20.82
N ILE B 49 2.81 -6.16 19.94
CA ILE B 49 2.73 -5.95 18.50
C ILE B 49 1.27 -5.90 18.04
N THR B 50 0.45 -6.81 18.57
CA THR B 50 -0.96 -6.91 18.22
C THR B 50 -1.68 -5.62 18.62
N HIS B 51 -1.41 -5.13 19.83
CA HIS B 51 -1.90 -3.83 20.33
C HIS B 51 -1.59 -2.73 19.32
N ALA B 52 -0.32 -2.63 18.90
CA ALA B 52 0.14 -1.55 18.03
C ALA B 52 -0.54 -1.67 16.65
N GLU B 53 -0.60 -2.89 16.12
CA GLU B 53 -1.25 -3.18 14.84
C GLU B 53 -2.73 -2.79 14.89
N GLU B 54 -3.39 -3.06 16.02
CA GLU B 54 -4.79 -2.72 16.20
C GLU B 54 -4.94 -1.19 16.28
N ASP B 55 -4.07 -0.52 17.06
CA ASP B 55 -4.06 0.95 17.17
C ASP B 55 -3.93 1.59 15.79
N LEU B 56 -2.98 1.10 14.98
CA LEU B 56 -2.62 1.75 13.72
C LEU B 56 -3.48 1.22 12.56
N GLU B 57 -4.18 0.10 12.77
CA GLU B 57 -4.88 -0.64 11.71
C GLU B 57 -3.93 -0.92 10.54
N VAL B 58 -2.79 -1.53 10.85
CA VAL B 58 -1.86 -2.03 9.84
C VAL B 58 -1.33 -3.38 10.31
N SER B 59 -0.83 -4.14 9.34
CA SER B 59 -0.03 -5.33 9.59
C SER B 59 1.44 -5.00 9.36
N PHE B 60 2.26 -5.18 10.39
CA PHE B 60 3.67 -4.97 10.27
C PHE B 60 4.23 -6.09 9.40
N PRO B 61 5.07 -5.81 8.39
CA PRO B 61 5.74 -6.88 7.66
C PRO B 61 6.52 -7.80 8.61
N ASN B 62 6.70 -9.04 8.16
CA ASN B 62 7.32 -10.08 8.97
C ASN B 62 8.69 -9.66 9.46
N PRO B 63 9.62 -9.13 8.63
CA PRO B 63 10.95 -8.77 9.14
C PRO B 63 10.93 -7.65 10.21
N VAL B 64 9.94 -6.77 10.14
CA VAL B 64 9.80 -5.68 11.13
C VAL B 64 9.33 -6.25 12.49
N LYS B 65 8.34 -7.14 12.46
CA LYS B 65 7.87 -7.83 13.66
C LYS B 65 9.01 -8.64 14.28
N ALA B 66 9.78 -9.38 13.46
CA ALA B 66 10.92 -10.15 13.96
C ALA B 66 11.90 -9.19 14.68
N SER B 67 12.17 -8.02 14.07
CA SER B 67 13.06 -7.04 14.67
C SER B 67 12.54 -6.59 16.05
N PHE B 68 11.25 -6.27 16.15
CA PHE B 68 10.60 -5.85 17.40
C PHE B 68 10.69 -6.95 18.48
N LYS B 69 10.64 -8.22 18.08
CA LYS B 69 10.74 -9.35 18.99
C LYS B 69 12.20 -9.67 19.35
N ILE B 70 13.16 -8.86 18.85
CA ILE B 70 14.55 -8.94 19.30
C ILE B 70 14.88 -7.71 20.17
N HIS B 71 14.61 -6.50 19.68
CA HIS B 71 14.73 -5.28 20.48
C HIS B 71 13.56 -4.33 20.22
N ASP B 72 12.92 -3.87 21.30
CA ASP B 72 11.88 -2.85 21.24
C ASP B 72 12.53 -1.46 21.18
N GLY B 73 13.29 -1.20 20.11
CA GLY B 73 13.97 0.08 19.95
C GLY B 73 15.11 0.24 20.94
N GLN B 74 15.42 1.51 21.23
CA GLN B 74 16.48 1.95 22.14
C GLN B 74 15.89 2.80 23.25
N GLU B 75 16.37 2.62 24.48
CA GLU B 75 15.82 3.37 25.60
C GLU B 75 16.79 4.34 26.26
N ASP B 76 17.86 3.80 26.86
CA ASP B 76 18.86 4.60 27.56
C ASP B 76 18.18 5.54 28.57
N LEU B 77 17.54 4.93 29.55
CA LEU B 77 16.83 5.68 30.59
C LEU B 77 17.77 6.29 31.62
N GLU B 78 18.97 5.75 31.70
CA GLU B 78 19.96 6.23 32.66
C GLU B 78 20.82 7.36 32.08
N SER B 79 20.18 8.45 31.71
CA SER B 79 20.89 9.60 31.16
C SER B 79 20.05 10.87 31.25
N MET B 80 20.69 12.01 31.05
CA MET B 80 20.01 13.29 31.12
C MET B 80 20.45 14.22 30.00
N THR B 81 20.73 13.66 28.82
CA THR B 81 21.18 14.45 27.69
C THR B 81 21.01 13.72 26.36
N GLY B 82 19.78 13.33 26.04
CA GLY B 82 19.51 12.63 24.81
C GLY B 82 19.97 11.18 24.81
N THR B 83 19.97 10.58 23.62
CA THR B 83 20.38 9.19 23.46
C THR B 83 21.33 9.05 22.28
N SER B 84 22.26 8.11 22.37
CA SER B 84 23.19 7.86 21.29
C SER B 84 22.48 6.92 20.35
N GLY B 85 22.10 7.40 19.17
CA GLY B 85 21.37 6.57 18.23
C GLY B 85 22.28 5.49 17.65
N LEU B 86 21.76 4.26 17.56
CA LEU B 86 22.47 3.09 17.05
C LEU B 86 22.95 3.30 15.61
N PHE B 87 22.09 3.82 14.73
CA PHE B 87 22.40 3.90 13.29
C PHE B 87 23.18 5.19 13.04
N TYR B 88 24.45 5.20 13.48
CA TYR B 88 25.33 6.33 13.33
C TYR B 88 24.67 7.61 13.86
N GLY B 89 24.07 7.55 15.05
CA GLY B 89 23.40 8.69 15.68
C GLY B 89 21.88 8.67 15.53
N PHE B 90 21.33 7.98 14.53
CA PHE B 90 19.86 7.91 14.38
C PHE B 90 19.33 6.82 15.30
N GLN B 91 18.24 7.14 16.00
CA GLN B 91 17.72 6.30 17.07
C GLN B 91 16.74 5.28 16.47
N LEU B 92 16.90 4.02 16.89
CA LEU B 92 15.92 2.98 16.66
C LEU B 92 14.76 3.23 17.62
N MET B 93 13.56 3.39 17.07
CA MET B 93 12.39 3.83 17.82
C MET B 93 11.73 2.64 18.52
N THR B 94 11.19 2.88 19.73
CA THR B 94 10.40 1.88 20.44
C THR B 94 9.04 1.78 19.77
N LEU B 95 8.32 0.68 20.03
CA LEU B 95 7.02 0.45 19.42
C LEU B 95 6.04 1.58 19.77
N ASP B 96 6.06 2.03 21.03
CA ASP B 96 5.24 3.19 21.45
C ASP B 96 5.61 4.44 20.63
N GLN B 97 6.90 4.64 20.39
CA GLN B 97 7.35 5.78 19.56
C GLN B 97 6.86 5.64 18.11
N VAL B 98 6.88 4.41 17.59
CA VAL B 98 6.41 4.15 16.22
C VAL B 98 4.90 4.48 16.12
N VAL B 99 4.12 4.04 17.10
CA VAL B 99 2.68 4.27 17.09
C VAL B 99 2.42 5.79 17.14
N ALA B 100 3.00 6.45 18.14
CA ALA B 100 2.78 7.88 18.33
C ALA B 100 3.20 8.66 17.07
N MET B 101 4.39 8.36 16.53
CA MET B 101 4.91 9.14 15.39
C MET B 101 4.12 8.87 14.10
N THR B 102 3.67 7.61 13.90
CA THR B 102 2.78 7.28 12.78
C THR B 102 1.51 8.13 12.87
N GLN B 103 0.93 8.20 14.08
CA GLN B 103 -0.25 9.00 14.34
C GLN B 103 0.00 10.48 14.04
N ALA B 104 1.15 10.99 14.49
CA ALA B 104 1.51 12.38 14.24
C ALA B 104 1.58 12.61 12.73
N TRP B 105 2.30 11.74 12.02
CA TRP B 105 2.42 11.86 10.56
C TRP B 105 1.05 11.76 9.88
N ARG B 106 0.15 10.92 10.42
CA ARG B 106 -1.18 10.76 9.85
C ARG B 106 -2.00 12.04 10.02
N ASN B 107 -1.79 12.77 11.13
CA ASN B 107 -2.43 14.07 11.35
C ASN B 107 -1.90 15.07 10.32
N VAL B 108 -0.58 15.10 10.11
CA VAL B 108 0.01 15.94 9.06
C VAL B 108 -0.68 15.69 7.72
N ALA B 109 -0.78 14.41 7.33
CA ALA B 109 -1.32 14.05 6.02
C ALA B 109 -2.80 14.46 5.95
N LYS B 110 -3.51 14.40 7.07
CA LYS B 110 -4.92 14.83 7.11
C LYS B 110 -5.03 16.35 6.92
N ASN B 111 -4.13 17.11 7.56
CA ASN B 111 -4.10 18.58 7.45
C ASN B 111 -3.76 19.01 6.02
N LEU B 112 -2.90 18.26 5.33
CA LEU B 112 -2.55 18.57 3.93
C LEU B 112 -3.72 18.26 2.98
N ASN B 113 -4.61 17.33 3.38
CA ASN B 113 -5.84 16.99 2.64
C ASN B 113 -6.91 18.07 2.83
N LYS B 114 -7.06 18.55 4.08
CA LYS B 114 -7.99 19.63 4.46
C LYS B 114 -7.65 20.94 3.73
N ARG B 115 -6.36 21.16 3.43
CA ARG B 115 -5.81 22.39 2.79
C ARG B 115 -5.91 22.32 1.25
N SER B 116 -5.89 23.52 0.63
CA SER B 116 -5.99 23.72 -0.81
C SER B 116 -4.64 23.41 -1.46
N ILE B 145 6.23 22.66 1.29
CA ILE B 145 5.74 21.68 0.33
C ILE B 145 6.20 22.10 -1.08
N PRO B 146 7.53 22.06 -1.39
CA PRO B 146 8.02 22.03 -2.77
C PRO B 146 7.80 20.65 -3.43
N ASP B 147 8.44 20.40 -4.58
CA ASP B 147 8.17 19.20 -5.36
C ASP B 147 8.71 17.97 -4.64
N GLN B 148 7.78 17.05 -4.39
CA GLN B 148 8.01 15.77 -3.80
C GLN B 148 8.38 14.80 -4.92
N LYS B 149 9.44 14.03 -4.69
CA LYS B 149 10.03 13.19 -5.72
C LYS B 149 10.53 11.90 -5.06
N SER B 150 11.07 11.01 -5.88
CA SER B 150 11.44 9.70 -5.50
C SER B 150 12.67 9.28 -6.28
N ILE B 151 13.60 8.58 -5.60
CA ILE B 151 14.70 7.83 -6.25
C ILE B 151 14.68 6.40 -5.73
N PRO B 152 14.57 5.39 -6.62
CA PRO B 152 14.25 5.51 -8.04
C PRO B 152 12.96 6.26 -8.35
N PRO B 153 12.84 6.89 -9.54
CA PRO B 153 11.60 7.55 -9.92
C PRO B 153 10.42 6.58 -9.78
N ASN B 154 9.30 7.08 -9.25
CA ASN B 154 8.03 6.36 -9.15
C ASN B 154 8.09 5.15 -8.22
N ALA B 155 9.16 5.01 -7.41
CA ALA B 155 9.21 3.90 -6.44
C ALA B 155 8.43 4.30 -5.19
N VAL B 156 8.41 5.62 -4.92
CA VAL B 156 7.77 6.12 -3.70
C VAL B 156 6.75 7.16 -4.11
N GLN B 157 5.60 7.22 -3.43
CA GLN B 157 4.58 8.19 -3.82
C GLN B 157 5.18 9.59 -3.65
N PRO B 158 4.96 10.52 -4.60
CA PRO B 158 5.53 11.87 -4.53
C PRO B 158 4.65 12.79 -3.66
N VAL B 159 4.70 12.55 -2.35
CA VAL B 159 3.88 13.23 -1.35
C VAL B 159 4.77 13.46 -0.11
N TYR B 160 4.34 14.40 0.73
CA TYR B 160 5.09 14.80 1.91
C TYR B 160 4.88 13.79 3.04
N ALA B 161 3.65 13.26 3.14
CA ALA B 161 3.31 12.30 4.17
C ALA B 161 2.27 11.33 3.62
N HIS B 162 2.30 10.10 4.16
CA HIS B 162 1.37 9.06 3.78
C HIS B 162 1.03 8.24 5.01
N PRO B 163 -0.25 7.89 5.27
CA PRO B 163 -0.58 7.11 6.44
C PRO B 163 0.12 5.73 6.56
N ALA B 164 0.66 5.21 5.46
CA ALA B 164 1.20 3.84 5.35
C ALA B 164 2.74 3.81 5.34
N TRP B 165 3.38 4.97 5.56
CA TRP B 165 4.83 5.06 5.85
C TRP B 165 5.02 4.93 7.37
N ILE B 166 5.54 3.77 7.81
CA ILE B 166 5.74 3.52 9.22
C ILE B 166 7.18 3.84 9.59
N PRO B 167 7.42 4.89 10.41
CA PRO B 167 8.77 5.27 10.85
C PRO B 167 9.33 4.26 11.85
N LEU B 168 10.58 3.83 11.65
CA LEU B 168 11.24 2.88 12.55
C LEU B 168 12.52 3.49 13.16
N ILE B 169 13.07 4.51 12.50
CA ILE B 169 14.28 5.20 12.91
C ILE B 169 14.00 6.71 12.83
N THR B 170 14.54 7.46 13.78
CA THR B 170 14.36 8.92 13.81
C THR B 170 15.71 9.62 14.01
N ASP B 171 15.87 10.81 13.40
CA ASP B 171 16.94 11.74 13.77
C ASP B 171 16.46 12.71 14.86
N ASN B 172 15.24 12.55 15.36
CA ASN B 172 14.68 13.46 16.37
C ASN B 172 14.72 14.92 15.88
N ALA B 173 14.70 15.11 14.55
CA ALA B 173 14.59 16.43 13.93
C ALA B 173 13.57 16.41 12.78
N GLY B 174 12.67 15.40 12.76
CA GLY B 174 11.59 15.29 11.80
C GLY B 174 11.88 14.33 10.64
N ASN B 175 13.04 13.65 10.62
CA ASN B 175 13.39 12.72 9.55
C ASN B 175 13.45 11.28 10.07
N HIS B 176 13.12 10.36 9.15
CA HIS B 176 12.90 8.98 9.49
C HIS B 176 13.45 8.06 8.42
N ILE B 177 13.80 6.85 8.86
CA ILE B 177 13.88 5.71 7.98
C ILE B 177 12.71 4.83 8.37
N GLY B 178 11.99 4.28 7.38
CA GLY B 178 10.85 3.43 7.71
C GLY B 178 10.42 2.52 6.58
N VAL B 179 9.26 1.91 6.78
CA VAL B 179 8.79 0.90 5.87
C VAL B 179 7.58 1.46 5.13
N ASP B 180 7.62 1.32 3.80
CA ASP B 180 6.61 1.90 2.90
C ASP B 180 5.59 0.80 2.55
N LEU B 181 4.40 0.89 3.13
CA LEU B 181 3.35 -0.07 2.87
C LEU B 181 2.40 0.41 1.76
N ALA B 182 2.75 1.43 0.98
CA ALA B 182 1.92 1.86 -0.13
C ALA B 182 2.84 2.40 -1.22
N PRO B 183 3.68 1.52 -1.78
CA PRO B 183 4.68 1.94 -2.76
C PRO B 183 4.06 2.55 -4.03
N GLY B 184 4.87 3.32 -4.73
CA GLY B 184 4.54 3.77 -6.04
C GLY B 184 4.62 2.61 -7.04
N PRO B 185 4.29 2.89 -8.32
CA PRO B 185 4.21 1.84 -9.34
C PRO B 185 5.49 1.09 -9.64
N ASN B 186 6.68 1.67 -9.41
CA ASN B 186 7.94 0.97 -9.61
C ASN B 186 8.60 0.64 -8.27
N GLY B 187 7.86 0.69 -7.16
CA GLY B 187 8.43 0.32 -5.86
C GLY B 187 8.00 -1.09 -5.47
N LYS B 188 8.42 -1.50 -4.28
CA LYS B 188 8.06 -2.77 -3.72
C LYS B 188 7.40 -2.57 -2.36
N TYR B 189 6.35 -3.36 -2.10
CA TYR B 189 5.69 -3.40 -0.84
C TYR B 189 6.71 -3.67 0.27
N ALA B 190 6.72 -2.83 1.31
CA ALA B 190 7.60 -2.97 2.50
C ALA B 190 9.09 -2.70 2.20
N GLN B 191 9.35 -2.04 1.08
CA GLN B 191 10.60 -1.34 0.84
C GLN B 191 10.86 -0.37 1.99
N ILE B 192 12.13 -0.05 2.19
CA ILE B 192 12.60 0.80 3.28
C ILE B 192 12.95 2.15 2.65
N ILE B 193 12.35 3.21 3.19
CA ILE B 193 12.50 4.51 2.60
C ILE B 193 12.96 5.52 3.65
N THR B 194 13.47 6.64 3.15
CA THR B 194 13.66 7.87 3.92
C THR B 194 12.49 8.81 3.66
N PHE B 195 12.01 9.46 4.73
CA PHE B 195 10.98 10.49 4.60
C PHE B 195 11.02 11.42 5.82
N GLY B 196 10.24 12.51 5.70
CA GLY B 196 10.03 13.48 6.76
C GLY B 196 10.47 14.89 6.36
N ARG B 197 10.70 15.72 7.38
CA ARG B 197 10.89 17.18 7.30
C ARG B 197 11.77 17.59 6.11
N ASP B 198 12.91 16.95 5.92
CA ASP B 198 13.92 17.40 4.94
C ASP B 198 14.01 16.44 3.74
N PHE B 199 13.02 15.56 3.56
CA PHE B 199 13.08 14.55 2.49
C PHE B 199 12.05 14.87 1.40
N ASP B 200 12.27 16.00 0.71
CA ASP B 200 11.43 16.36 -0.42
C ASP B 200 11.57 15.27 -1.50
N THR B 201 12.79 14.74 -1.64
CA THR B 201 13.07 13.58 -2.41
C THR B 201 13.18 12.39 -1.46
N LYS B 202 12.28 11.40 -1.61
CA LYS B 202 12.34 10.15 -0.84
C LYS B 202 13.24 9.16 -1.60
N PHE B 203 13.98 8.35 -0.85
CA PHE B 203 14.94 7.39 -1.38
C PHE B 203 14.56 5.98 -0.90
N VAL B 204 14.53 5.02 -1.83
CA VAL B 204 14.44 3.60 -1.44
C VAL B 204 15.86 3.15 -1.08
N ILE B 205 16.07 2.82 0.17
CA ILE B 205 17.41 2.49 0.61
C ILE B 205 17.57 0.99 0.81
N ALA B 206 16.47 0.22 0.87
CA ALA B 206 16.59 -1.25 0.94
C ALA B 206 15.28 -1.92 0.50
N GLU B 207 15.40 -3.19 0.08
CA GLU B 207 14.27 -3.97 -0.44
C GLU B 207 13.33 -4.40 0.69
N ASN B 208 13.87 -4.62 1.88
CA ASN B 208 13.08 -4.95 3.05
C ASN B 208 13.92 -4.61 4.29
N TRP B 209 13.30 -4.70 5.46
CA TRP B 209 13.89 -4.29 6.72
C TRP B 209 15.14 -5.14 7.03
N GLY B 210 15.04 -6.45 6.74
CA GLY B 210 16.13 -7.40 6.82
C GLY B 210 17.36 -6.92 6.05
N GLU B 211 17.19 -6.59 4.77
CA GLU B 211 18.32 -6.18 3.94
C GLU B 211 18.91 -4.88 4.50
N PHE B 212 18.06 -4.00 5.03
CA PHE B 212 18.55 -2.74 5.58
C PHE B 212 19.45 -2.99 6.80
N LEU B 213 18.96 -3.81 7.75
CA LEU B 213 19.71 -4.12 8.97
C LEU B 213 21.06 -4.76 8.62
N LEU B 214 21.03 -5.68 7.65
CA LEU B 214 22.22 -6.38 7.24
C LEU B 214 23.26 -5.42 6.63
N SER B 215 22.81 -4.48 5.77
CA SER B 215 23.76 -3.50 5.15
C SER B 215 24.44 -2.66 6.24
N PHE B 216 23.69 -2.30 7.30
CA PHE B 216 24.23 -1.59 8.44
C PHE B 216 25.22 -2.49 9.19
N ALA B 217 24.82 -3.74 9.49
CA ALA B 217 25.76 -4.69 10.13
C ALA B 217 27.08 -4.78 9.32
N ASN B 218 26.98 -4.80 7.98
CA ASN B 218 28.16 -4.96 7.11
C ASN B 218 29.06 -3.71 7.21
N ASP B 219 28.45 -2.52 7.33
CA ASP B 219 29.21 -1.28 7.47
C ASP B 219 30.03 -1.33 8.78
N LEU B 220 29.43 -1.83 9.86
CA LEU B 220 30.12 -1.98 11.14
C LEU B 220 31.34 -2.90 10.96
N GLU B 221 31.09 -4.05 10.33
CA GLU B 221 32.07 -5.09 10.14
C GLU B 221 33.19 -4.64 9.19
N ALA B 222 32.90 -3.78 8.22
CA ALA B 222 33.96 -3.32 7.32
C ALA B 222 34.81 -2.22 7.99
N GLY B 223 34.43 -1.80 9.20
CA GLY B 223 35.16 -0.74 9.94
C GLY B 223 34.77 0.67 9.52
N ASN B 224 33.57 0.82 8.93
CA ASN B 224 33.11 2.11 8.41
C ASN B 224 32.56 2.97 9.56
N TRP B 225 33.43 3.33 10.51
CA TRP B 225 33.00 4.03 11.69
C TRP B 225 34.18 4.68 12.41
N TYR B 226 33.87 5.77 13.13
CA TYR B 226 34.67 6.32 14.25
C TYR B 226 33.77 6.43 15.48
N LEU B 227 34.34 6.21 16.68
CA LEU B 227 33.67 6.43 17.94
C LEU B 227 34.26 7.68 18.62
N VAL B 228 33.61 8.83 18.40
CA VAL B 228 34.06 10.16 18.86
C VAL B 228 33.53 10.43 20.27
N ASP B 229 34.31 11.15 21.09
CA ASP B 229 33.96 11.45 22.48
C ASP B 229 34.21 12.93 22.80
N ASP B 230 33.83 13.30 24.03
CA ASP B 230 34.19 14.57 24.67
C ASP B 230 35.56 14.40 25.34
N ASP B 238 31.97 5.17 25.63
CA ASP B 238 32.85 4.75 24.57
C ASP B 238 32.72 5.69 23.35
N GLY B 239 31.84 6.69 23.42
CA GLY B 239 31.79 7.79 22.41
C GLY B 239 30.64 7.64 21.41
N GLU B 240 30.40 8.68 20.59
CA GLU B 240 29.29 8.76 19.59
C GLU B 240 29.70 8.05 18.29
N LEU B 241 28.76 7.27 17.73
CA LEU B 241 29.05 6.45 16.56
C LEU B 241 28.77 7.26 15.30
N VAL B 242 29.81 7.41 14.46
CA VAL B 242 29.70 8.18 13.23
C VAL B 242 30.27 7.35 12.08
N PHE B 243 29.83 7.66 10.85
CA PHE B 243 30.19 6.93 9.65
C PHE B 243 31.43 7.53 8.99
N ARG B 244 32.22 6.64 8.40
CA ARG B 244 33.39 6.97 7.62
C ARG B 244 33.72 5.78 6.71
N ASP B 245 33.94 6.02 5.42
CA ASP B 245 34.29 4.93 4.52
C ASP B 245 35.78 4.58 4.68
N LYS B 246 36.07 3.48 5.37
CA LYS B 246 37.41 3.14 5.82
C LYS B 246 38.36 2.91 4.64
N LYS B 247 37.94 2.03 3.72
CA LYS B 247 38.80 1.57 2.65
C LYS B 247 39.20 2.74 1.75
N SER B 248 38.32 3.75 1.59
CA SER B 248 38.63 4.90 0.76
C SER B 248 39.35 5.99 1.58
N ASN B 249 39.49 5.82 2.90
CA ASN B 249 39.94 6.85 3.84
C ASN B 249 39.08 8.10 3.70
N GLY B 250 37.78 7.86 3.76
CA GLY B 250 36.79 8.90 3.52
C GLY B 250 36.54 9.72 4.78
N PRO B 251 35.96 10.93 4.61
CA PRO B 251 35.63 11.79 5.74
C PRO B 251 34.45 11.21 6.54
N ILE B 252 34.22 11.79 7.72
CA ILE B 252 33.04 11.48 8.45
C ILE B 252 31.87 12.02 7.62
N GLN B 253 30.82 11.21 7.46
CA GLN B 253 29.63 11.57 6.67
C GLN B 253 28.38 11.32 7.49
N ASP B 254 27.40 12.20 7.28
CA ASP B 254 26.05 11.97 7.69
C ASP B 254 25.54 10.67 7.05
N TYR B 255 24.99 9.76 7.85
CA TYR B 255 24.54 8.42 7.35
C TYR B 255 23.39 8.57 6.32
N PHE B 256 22.51 9.56 6.49
CA PHE B 256 21.48 9.84 5.46
C PHE B 256 22.14 10.10 4.11
N GLU B 257 23.21 10.90 4.08
CA GLU B 257 23.85 11.25 2.83
C GLU B 257 24.48 10.00 2.21
N VAL B 258 25.07 9.14 3.03
CA VAL B 258 25.65 7.92 2.55
C VAL B 258 24.54 7.08 1.90
N LEU B 259 23.43 6.92 2.60
CA LEU B 259 22.31 6.10 2.10
C LEU B 259 21.81 6.64 0.76
N LYS B 260 21.62 7.97 0.67
CA LYS B 260 21.13 8.61 -0.51
C LYS B 260 22.08 8.40 -1.69
N ARG B 261 23.38 8.53 -1.43
CA ARG B 261 24.38 8.40 -2.48
C ARG B 261 24.35 6.95 -3.00
N ARG B 262 24.35 5.97 -2.09
CA ARG B 262 24.33 4.56 -2.48
C ARG B 262 23.09 4.26 -3.33
N THR B 263 21.94 4.81 -2.96
CA THR B 263 20.69 4.59 -3.71
C THR B 263 20.84 5.18 -5.12
N TRP B 264 21.37 6.40 -5.23
CA TRP B 264 21.59 7.05 -6.51
C TRP B 264 22.47 6.19 -7.42
N ILE B 265 23.63 5.78 -6.89
CA ILE B 265 24.58 5.00 -7.64
C ILE B 265 23.88 3.72 -8.13
N LYS B 266 23.25 3.00 -7.22
CA LYS B 266 22.56 1.76 -7.58
C LYS B 266 21.51 2.01 -8.69
N TYR B 267 20.66 3.04 -8.55
CA TYR B 267 19.68 3.38 -9.58
C TYR B 267 20.38 3.62 -10.93
N GLN B 268 21.45 4.43 -10.93
CA GLN B 268 22.11 4.81 -12.19
C GLN B 268 22.70 3.57 -12.87
N LEU B 269 23.28 2.68 -12.07
CA LEU B 269 23.97 1.49 -12.58
C LEU B 269 22.97 0.45 -13.11
N GLU B 270 21.72 0.50 -12.65
CA GLU B 270 20.68 -0.43 -13.12
C GLU B 270 19.92 0.14 -14.32
N ARG B 271 19.92 1.47 -14.52
CA ARG B 271 19.31 2.09 -15.71
C ARG B 271 20.32 2.01 -16.86
#